data_3EVF
#
_entry.id   3EVF
#
_cell.length_a   104.791
_cell.length_b   104.791
_cell.length_c   51.842
_cell.angle_alpha   90.00
_cell.angle_beta   90.00
_cell.angle_gamma   120.00
#
_symmetry.space_group_name_H-M   'P 65'
#
loop_
_entity.id
_entity.type
_entity.pdbx_description
1 polymer 'RNA-directed RNA polymerase NS5'
2 non-polymer "P1-7-METHYLGUANOSINE-P3-ADENOSINE-5',5'-TRIPHOSPHATE"
3 non-polymer S-ADENOSYL-L-HOMOCYSTEINE
4 water water
#
_entity_poly.entity_id   1
_entity_poly.type   'polypeptide(L)'
_entity_poly.pdbx_seq_one_letter_code
;MGSANGKTLGEVWKRELNLLDKRQFELYKRTDIVEVDRDTARRHLAEGKVDTGVAVSRGTAKLRWFHERGYVKLEGRVID
LGCGRGGWCYYAAAQKEVSGVKGFTLGRDGHEKPMNVQSLGWNIITFKDKTDIHRLEPVKCDTLLCDIGESSSSSVTEGE
RTVRVLDTVEKWLACGVDNFCVKVLAPYMPDVLEKLELLQRRFGGTVIRNPLSRNSTHEMYYVSGARSNVTFTVNQTSRL
LMRRMRRPTGKVTLEADVILPIGTRSVGSSSHHHHHH
;
_entity_poly.pdbx_strand_id   A
#
loop_
_chem_comp.id
_chem_comp.type
_chem_comp.name
_chem_comp.formula
GTA non-polymer P1-7-METHYLGUANOSINE-P3-ADENOSINE-5',5'-TRIPHOSPHATE 'C21 H30 N10 O17 P3 1'
#
# COMPACT_ATOMS: atom_id res chain seq x y z
N LYS A 7 15.89 -11.81 -15.74
CA LYS A 7 17.03 -10.98 -16.19
C LYS A 7 17.31 -9.83 -15.23
N THR A 8 16.28 -9.11 -14.80
CA THR A 8 16.49 -8.01 -13.86
C THR A 8 16.88 -8.65 -12.53
N LEU A 9 17.55 -7.89 -11.68
CA LEU A 9 17.96 -8.42 -10.39
C LEU A 9 16.72 -8.91 -9.62
N GLY A 10 15.62 -8.16 -9.75
CA GLY A 10 14.39 -8.55 -9.07
C GLY A 10 13.82 -9.87 -9.57
N GLU A 11 13.98 -10.15 -10.86
CA GLU A 11 13.48 -11.41 -11.41
C GLU A 11 14.33 -12.54 -10.85
N VAL A 12 15.62 -12.29 -10.68
CA VAL A 12 16.51 -13.31 -10.12
C VAL A 12 16.09 -13.55 -8.67
N TRP A 13 15.80 -12.47 -7.96
CA TRP A 13 15.37 -12.55 -6.56
C TRP A 13 14.11 -13.42 -6.44
N LYS A 14 13.13 -13.18 -7.31
CA LYS A 14 11.88 -13.92 -7.27
C LYS A 14 12.12 -15.42 -7.50
N ARG A 15 12.99 -15.73 -8.44
CA ARG A 15 13.31 -17.12 -8.75
C ARG A 15 13.98 -17.80 -7.56
N GLU A 16 14.90 -17.09 -6.91
CA GLU A 16 15.60 -17.66 -5.77
C GLU A 16 14.67 -17.78 -4.57
N LEU A 17 13.72 -16.86 -4.47
CA LEU A 17 12.75 -16.89 -3.38
C LEU A 17 11.96 -18.19 -3.46
N ASN A 18 11.51 -18.54 -4.66
CA ASN A 18 10.74 -19.77 -4.86
C ASN A 18 11.53 -21.06 -4.68
N LEU A 19 12.86 -20.96 -4.67
CA LEU A 19 13.70 -22.15 -4.50
C LEU A 19 13.99 -22.47 -3.04
N LEU A 20 13.65 -21.56 -2.14
CA LEU A 20 13.89 -21.78 -0.72
C LEU A 20 12.96 -22.88 -0.21
N ASP A 21 13.45 -23.72 0.70
CA ASP A 21 12.59 -24.76 1.25
C ASP A 21 11.70 -24.05 2.26
N LYS A 22 10.80 -24.78 2.89
CA LYS A 22 9.89 -24.19 3.84
C LYS A 22 10.56 -23.46 5.01
N ARG A 23 11.64 -24.02 5.54
CA ARG A 23 12.31 -23.37 6.67
C ARG A 23 13.11 -22.16 6.20
N GLN A 24 13.75 -22.27 5.05
CA GLN A 24 14.54 -21.17 4.50
C GLN A 24 13.62 -19.97 4.28
N PHE A 25 12.44 -20.25 3.76
CA PHE A 25 11.46 -19.20 3.49
C PHE A 25 11.05 -18.51 4.77
N GLU A 26 10.74 -19.30 5.80
CA GLU A 26 10.34 -18.73 7.09
C GLU A 26 11.44 -17.86 7.67
N LEU A 27 12.68 -18.32 7.56
CA LEU A 27 13.82 -17.58 8.08
C LEU A 27 14.00 -16.26 7.31
N TYR A 28 13.85 -16.33 6.00
CA TYR A 28 13.97 -15.14 5.15
C TYR A 28 12.90 -14.11 5.47
N LYS A 29 11.67 -14.58 5.65
CA LYS A 29 10.56 -13.69 5.96
C LYS A 29 10.81 -12.89 7.23
N ARG A 30 11.54 -13.47 8.18
CA ARG A 30 11.81 -12.81 9.44
C ARG A 30 13.18 -12.14 9.51
N THR A 31 13.81 -11.93 8.37
CA THR A 31 15.14 -11.32 8.37
C THR A 31 15.19 -9.80 8.25
N ASP A 32 15.63 -9.16 9.33
CA ASP A 32 15.78 -7.71 9.42
C ASP A 32 14.54 -6.90 9.10
N ILE A 33 13.38 -7.46 9.36
CA ILE A 33 12.13 -6.77 9.10
C ILE A 33 11.67 -5.90 10.25
N VAL A 34 10.72 -5.01 9.95
CA VAL A 34 10.15 -4.13 10.95
C VAL A 34 8.64 -4.19 10.78
N GLU A 35 7.94 -4.37 11.88
CA GLU A 35 6.49 -4.43 11.83
C GLU A 35 5.88 -3.85 13.09
N VAL A 36 4.67 -3.34 12.97
CA VAL A 36 4.00 -2.77 14.12
C VAL A 36 3.41 -3.87 14.97
N ASP A 37 3.33 -3.60 16.28
CA ASP A 37 2.78 -4.54 17.23
C ASP A 37 1.25 -4.40 17.11
N ARG A 38 0.60 -5.45 16.64
CA ARG A 38 -0.84 -5.45 16.45
C ARG A 38 -1.66 -6.05 17.60
N ASP A 39 -0.97 -6.44 18.68
CA ASP A 39 -1.64 -7.05 19.83
C ASP A 39 -2.84 -6.27 20.36
N THR A 40 -2.63 -5.01 20.72
CA THR A 40 -3.72 -4.20 21.26
C THR A 40 -4.85 -4.00 20.28
N ALA A 41 -4.52 -3.64 19.05
CA ALA A 41 -5.54 -3.43 18.03
C ALA A 41 -6.40 -4.66 17.83
N ARG A 42 -5.75 -5.82 17.72
CA ARG A 42 -6.49 -7.06 17.51
C ARG A 42 -7.40 -7.37 18.68
N ARG A 43 -6.93 -7.12 19.90
CA ARG A 43 -7.76 -7.38 21.07
C ARG A 43 -8.96 -6.44 21.08
N HIS A 44 -8.71 -5.16 20.85
CA HIS A 44 -9.82 -4.19 20.84
C HIS A 44 -10.86 -4.51 19.79
N LEU A 45 -10.41 -4.80 18.58
CA LEU A 45 -11.33 -5.11 17.49
C LEU A 45 -12.12 -6.38 17.78
N ALA A 46 -11.46 -7.39 18.35
CA ALA A 46 -12.13 -8.64 18.67
C ALA A 46 -13.21 -8.44 19.74
N GLU A 47 -13.04 -7.40 20.55
CA GLU A 47 -13.98 -7.10 21.62
C GLU A 47 -15.06 -6.11 21.21
N GLY A 48 -15.03 -5.69 19.95
CA GLY A 48 -16.02 -4.75 19.45
C GLY A 48 -15.82 -3.31 19.84
N LYS A 49 -14.62 -2.96 20.30
CA LYS A 49 -14.33 -1.58 20.69
C LYS A 49 -14.12 -0.73 19.44
N VAL A 50 -14.92 0.31 19.28
CA VAL A 50 -14.83 1.18 18.11
C VAL A 50 -14.39 2.61 18.43
N ASP A 51 -14.18 2.90 19.71
CA ASP A 51 -13.79 4.25 20.10
C ASP A 51 -12.46 4.35 20.84
N THR A 52 -11.49 3.51 20.47
CA THR A 52 -10.19 3.55 21.11
C THR A 52 -9.09 4.03 20.17
N GLY A 53 -9.46 4.29 18.92
CA GLY A 53 -8.51 4.79 17.94
C GLY A 53 -7.56 3.81 17.30
N VAL A 54 -7.72 2.52 17.55
CA VAL A 54 -6.82 1.54 16.96
C VAL A 54 -7.05 1.40 15.47
N ALA A 55 -6.02 0.93 14.77
CA ALA A 55 -6.10 0.76 13.32
C ALA A 55 -6.75 -0.55 12.92
N VAL A 56 -7.58 -0.52 11.88
CA VAL A 56 -8.27 -1.72 11.43
C VAL A 56 -7.38 -2.72 10.70
N SER A 57 -6.19 -2.27 10.30
CA SER A 57 -5.26 -3.14 9.59
C SER A 57 -3.86 -2.54 9.69
N ARG A 58 -2.87 -3.29 9.20
CA ARG A 58 -1.49 -2.84 9.21
C ARG A 58 -1.31 -1.73 8.17
N GLY A 59 -2.33 -1.56 7.32
CA GLY A 59 -2.26 -0.54 6.29
C GLY A 59 -2.17 0.87 6.81
N THR A 60 -2.80 1.14 7.96
CA THR A 60 -2.76 2.48 8.53
C THR A 60 -1.33 2.93 8.77
N ALA A 61 -0.53 2.05 9.39
CA ALA A 61 0.87 2.38 9.66
C ALA A 61 1.68 2.54 8.38
N LYS A 62 1.35 1.77 7.35
CA LYS A 62 2.07 1.87 6.08
C LYS A 62 1.84 3.24 5.44
N LEU A 63 0.60 3.70 5.43
CA LEU A 63 0.30 5.01 4.84
C LEU A 63 0.87 6.12 5.70
N ARG A 64 0.82 5.96 7.02
CA ARG A 64 1.37 6.97 7.91
C ARG A 64 2.84 7.19 7.57
N TRP A 65 3.57 6.11 7.34
CA TRP A 65 4.99 6.24 7.04
C TRP A 65 5.24 7.14 5.82
N PHE A 66 4.47 6.94 4.76
CA PHE A 66 4.62 7.76 3.56
C PHE A 66 4.21 9.22 3.83
N HIS A 67 3.08 9.38 4.49
CA HIS A 67 2.54 10.70 4.80
C HIS A 67 3.43 11.56 5.69
N GLU A 68 3.91 10.99 6.79
CA GLU A 68 4.72 11.74 7.75
C GLU A 68 6.07 12.25 7.23
N ARG A 69 6.53 11.71 6.11
CA ARG A 69 7.81 12.17 5.57
C ARG A 69 7.65 12.80 4.18
N GLY A 70 6.42 13.19 3.88
CA GLY A 70 6.16 13.87 2.62
C GLY A 70 6.15 13.10 1.32
N TYR A 71 6.14 11.77 1.36
CA TYR A 71 6.11 11.00 0.12
C TYR A 71 4.75 11.15 -0.55
N VAL A 72 3.72 11.43 0.25
CA VAL A 72 2.40 11.70 -0.30
C VAL A 72 1.68 12.66 0.63
N LYS A 73 1.13 13.72 0.06
CA LYS A 73 0.35 14.68 0.84
C LYS A 73 -1.08 14.14 0.79
N LEU A 74 -1.79 14.22 1.92
CA LEU A 74 -3.18 13.77 1.94
C LEU A 74 -4.00 15.04 2.07
N GLU A 75 -4.66 15.42 0.96
CA GLU A 75 -5.42 16.66 0.93
C GLU A 75 -6.74 16.59 0.18
N GLY A 76 -7.66 17.45 0.60
CA GLY A 76 -8.95 17.56 -0.05
C GLY A 76 -9.73 16.29 -0.24
N ARG A 77 -10.19 16.07 -1.46
CA ARG A 77 -10.97 14.90 -1.81
C ARG A 77 -10.07 13.70 -2.03
N VAL A 78 -10.21 12.71 -1.14
CA VAL A 78 -9.42 11.50 -1.22
C VAL A 78 -10.23 10.33 -1.76
N ILE A 79 -9.61 9.55 -2.64
CA ILE A 79 -10.25 8.36 -3.17
C ILE A 79 -9.29 7.21 -2.89
N ASP A 80 -9.81 6.12 -2.34
CA ASP A 80 -9.02 4.95 -1.99
C ASP A 80 -9.55 3.74 -2.76
N LEU A 81 -8.81 3.32 -3.77
CA LEU A 81 -9.18 2.17 -4.60
C LEU A 81 -8.64 0.89 -3.98
N GLY A 82 -9.55 -0.05 -3.68
CA GLY A 82 -9.17 -1.30 -3.06
C GLY A 82 -8.92 -1.02 -1.59
N CYS A 83 -9.90 -0.40 -0.94
CA CYS A 83 -9.76 -0.02 0.45
C CYS A 83 -9.77 -1.16 1.48
N GLY A 84 -10.33 -2.31 1.13
CA GLY A 84 -10.37 -3.43 2.06
C GLY A 84 -11.05 -3.02 3.36
N ARG A 85 -10.46 -3.37 4.49
CA ARG A 85 -11.02 -3.01 5.79
C ARG A 85 -11.10 -1.51 5.98
N GLY A 86 -10.23 -0.77 5.28
CA GLY A 86 -10.26 0.68 5.37
C GLY A 86 -9.12 1.37 6.10
N GLY A 87 -8.02 0.67 6.32
CA GLY A 87 -6.89 1.28 7.03
C GLY A 87 -6.40 2.61 6.48
N TRP A 88 -6.39 2.73 5.16
CA TRP A 88 -5.96 3.98 4.54
C TRP A 88 -7.05 5.04 4.62
N CYS A 89 -8.31 4.60 4.51
CA CYS A 89 -9.43 5.53 4.59
C CYS A 89 -9.49 6.17 5.97
N TYR A 90 -9.35 5.37 7.02
CA TYR A 90 -9.39 5.93 8.37
C TYR A 90 -8.18 6.82 8.64
N TYR A 91 -7.02 6.44 8.13
CA TYR A 91 -5.86 7.29 8.36
C TYR A 91 -6.08 8.66 7.70
N ALA A 92 -6.52 8.63 6.44
CA ALA A 92 -6.76 9.86 5.70
C ALA A 92 -7.83 10.75 6.34
N ALA A 93 -8.92 10.14 6.77
CA ALA A 93 -10.03 10.87 7.38
C ALA A 93 -9.66 11.65 8.63
N ALA A 94 -8.60 11.21 9.31
CA ALA A 94 -8.15 11.86 10.53
C ALA A 94 -7.23 13.05 10.29
N GLN A 95 -6.87 13.30 9.03
CA GLN A 95 -5.98 14.41 8.72
C GLN A 95 -6.76 15.69 8.43
N LYS A 96 -6.39 16.77 9.10
CA LYS A 96 -7.09 18.05 8.94
C LYS A 96 -7.18 18.58 7.52
N GLU A 97 -6.17 18.29 6.70
CA GLU A 97 -6.14 18.78 5.32
C GLU A 97 -7.12 18.04 4.40
N VAL A 98 -7.62 16.90 4.86
CA VAL A 98 -8.56 16.08 4.08
C VAL A 98 -10.00 16.52 4.34
N SER A 99 -10.77 16.68 3.27
CA SER A 99 -12.16 17.11 3.41
C SER A 99 -13.19 15.99 3.25
N GLY A 100 -12.79 14.91 2.59
CA GLY A 100 -13.69 13.80 2.39
C GLY A 100 -12.95 12.58 1.85
N VAL A 101 -13.49 11.39 2.11
CA VAL A 101 -12.85 10.16 1.66
C VAL A 101 -13.88 9.21 1.06
N LYS A 102 -13.57 8.71 -0.14
CA LYS A 102 -14.43 7.75 -0.81
C LYS A 102 -13.61 6.49 -1.02
N GLY A 103 -14.01 5.41 -0.36
CA GLY A 103 -13.31 4.15 -0.49
C GLY A 103 -14.12 3.13 -1.27
N PHE A 104 -13.46 2.36 -2.12
CA PHE A 104 -14.10 1.35 -2.95
C PHE A 104 -13.37 0.04 -2.83
N THR A 105 -14.10 -1.07 -2.73
CA THR A 105 -13.48 -2.37 -2.62
C THR A 105 -14.47 -3.47 -3.01
N LEU A 106 -13.94 -4.65 -3.32
CA LEU A 106 -14.77 -5.78 -3.70
C LEU A 106 -15.67 -6.23 -2.54
N GLY A 107 -15.05 -6.59 -1.43
CA GLY A 107 -15.79 -7.02 -0.25
C GLY A 107 -16.78 -8.14 -0.52
N ARG A 108 -16.36 -9.12 -1.29
CA ARG A 108 -17.22 -10.25 -1.62
C ARG A 108 -16.37 -11.43 -2.09
N ASP A 109 -16.88 -12.64 -1.89
CA ASP A 109 -16.19 -13.85 -2.30
C ASP A 109 -14.82 -13.99 -1.65
N GLY A 110 -14.76 -13.77 -0.34
CA GLY A 110 -13.50 -13.90 0.37
C GLY A 110 -12.74 -12.60 0.50
N HIS A 111 -13.13 -11.59 -0.29
CA HIS A 111 -12.46 -10.30 -0.24
C HIS A 111 -12.92 -9.49 0.97
N GLU A 112 -11.93 -8.99 1.71
CA GLU A 112 -12.18 -8.20 2.92
C GLU A 112 -13.20 -7.09 2.74
N LYS A 113 -14.08 -6.96 3.72
CA LYS A 113 -15.12 -5.93 3.69
C LYS A 113 -14.69 -4.76 4.58
N PRO A 114 -15.20 -3.55 4.30
CA PRO A 114 -14.83 -2.40 5.12
C PRO A 114 -15.23 -2.61 6.59
N MET A 115 -14.38 -2.20 7.51
CA MET A 115 -14.70 -2.33 8.94
C MET A 115 -15.21 -0.99 9.44
N ASN A 116 -16.20 -1.03 10.31
CA ASN A 116 -16.77 0.20 10.84
C ASN A 116 -16.32 0.50 12.27
N VAL A 117 -15.41 1.46 12.38
CA VAL A 117 -14.91 1.92 13.66
C VAL A 117 -15.12 3.42 13.67
N GLN A 118 -14.98 4.04 14.83
CA GLN A 118 -15.20 5.47 14.92
C GLN A 118 -14.02 6.35 15.28
N SER A 119 -12.91 6.11 14.60
CA SER A 119 -11.73 6.93 14.78
C SER A 119 -12.04 8.27 14.11
N LEU A 120 -11.26 9.30 14.43
CA LEU A 120 -11.50 10.64 13.94
C LEU A 120 -11.82 10.77 12.46
N GLY A 121 -12.97 11.38 12.16
CA GLY A 121 -13.37 11.57 10.77
C GLY A 121 -14.07 10.42 10.10
N TRP A 122 -14.44 9.40 10.87
CA TRP A 122 -15.14 8.27 10.27
C TRP A 122 -16.36 8.76 9.49
N ASN A 123 -16.96 9.84 9.97
CA ASN A 123 -18.16 10.38 9.35
C ASN A 123 -17.95 11.01 7.98
N ILE A 124 -16.70 11.27 7.60
CA ILE A 124 -16.46 11.86 6.28
C ILE A 124 -16.01 10.82 5.27
N ILE A 125 -16.11 9.55 5.65
CA ILE A 125 -15.75 8.44 4.77
C ILE A 125 -17.01 7.79 4.23
N THR A 126 -17.00 7.52 2.92
CA THR A 126 -18.11 6.82 2.28
C THR A 126 -17.52 5.54 1.73
N PHE A 127 -17.81 4.42 2.37
CA PHE A 127 -17.32 3.12 1.91
C PHE A 127 -18.32 2.51 0.94
N LYS A 128 -17.82 1.91 -0.14
CA LYS A 128 -18.67 1.25 -1.11
C LYS A 128 -18.04 -0.09 -1.49
N ASP A 129 -18.72 -1.18 -1.18
CA ASP A 129 -18.21 -2.51 -1.51
C ASP A 129 -18.84 -3.01 -2.81
N LYS A 130 -18.63 -4.29 -3.11
CA LYS A 130 -19.17 -4.89 -4.33
C LYS A 130 -18.76 -4.04 -5.53
N THR A 131 -17.56 -3.47 -5.46
CA THR A 131 -17.07 -2.62 -6.53
C THR A 131 -15.73 -3.05 -7.09
N ASP A 132 -15.70 -3.35 -8.39
CA ASP A 132 -14.47 -3.73 -9.08
C ASP A 132 -13.92 -2.41 -9.63
N ILE A 133 -12.87 -1.89 -9.01
CA ILE A 133 -12.32 -0.61 -9.44
C ILE A 133 -11.76 -0.55 -10.86
N HIS A 134 -11.53 -1.69 -11.49
CA HIS A 134 -11.02 -1.69 -12.86
C HIS A 134 -12.11 -1.25 -13.83
N ARG A 135 -13.37 -1.39 -13.42
CA ARG A 135 -14.49 -1.00 -14.25
C ARG A 135 -15.23 0.23 -13.71
N LEU A 136 -14.75 0.77 -12.60
CA LEU A 136 -15.36 1.94 -11.99
C LEU A 136 -14.99 3.18 -12.78
N GLU A 137 -16.00 3.96 -13.18
CA GLU A 137 -15.74 5.17 -13.94
C GLU A 137 -14.97 6.15 -13.06
N PRO A 138 -13.83 6.67 -13.57
CA PRO A 138 -13.04 7.62 -12.78
C PRO A 138 -13.81 8.84 -12.27
N VAL A 139 -13.48 9.26 -11.06
CA VAL A 139 -14.09 10.39 -10.41
C VAL A 139 -13.00 11.42 -10.10
N LYS A 140 -13.34 12.70 -10.20
CA LYS A 140 -12.37 13.77 -9.92
C LYS A 140 -12.04 13.78 -8.42
N CYS A 141 -10.76 13.91 -8.09
CA CYS A 141 -10.31 13.97 -6.71
C CYS A 141 -9.00 14.72 -6.63
N ASP A 142 -8.52 14.95 -5.42
CA ASP A 142 -7.26 15.66 -5.21
C ASP A 142 -6.15 14.72 -4.82
N THR A 143 -6.51 13.65 -4.11
CA THR A 143 -5.55 12.66 -3.63
C THR A 143 -6.05 11.28 -4.02
N LEU A 144 -5.27 10.57 -4.82
CA LEU A 144 -5.63 9.23 -5.27
C LEU A 144 -4.77 8.15 -4.61
N LEU A 145 -5.43 7.22 -3.91
CA LEU A 145 -4.73 6.14 -3.24
C LEU A 145 -5.20 4.81 -3.83
N CYS A 146 -4.29 3.85 -3.93
CA CYS A 146 -4.63 2.53 -4.44
C CYS A 146 -3.64 1.54 -3.85
N ASP A 147 -4.15 0.53 -3.15
CA ASP A 147 -3.29 -0.45 -2.50
C ASP A 147 -3.65 -1.87 -2.95
N ILE A 148 -3.72 -2.05 -4.26
CA ILE A 148 -4.08 -3.34 -4.87
C ILE A 148 -2.89 -4.04 -5.54
N GLY A 149 -2.83 -5.35 -5.35
CA GLY A 149 -1.77 -6.14 -5.95
C GLY A 149 -1.64 -7.46 -5.22
N GLU A 150 -2.25 -8.51 -5.77
CA GLU A 150 -2.22 -9.84 -5.16
C GLU A 150 -0.95 -10.60 -5.51
N SER A 151 -0.22 -11.03 -4.49
CA SER A 151 1.01 -11.78 -4.71
C SER A 151 0.77 -13.09 -5.46
N SER A 152 1.78 -13.51 -6.21
CA SER A 152 1.73 -14.76 -6.97
C SER A 152 3.13 -15.33 -7.05
N SER A 153 3.25 -16.65 -6.92
CA SER A 153 4.56 -17.29 -7.00
C SER A 153 5.14 -17.11 -8.39
N SER A 154 4.29 -16.78 -9.35
CA SER A 154 4.72 -16.57 -10.72
C SER A 154 5.05 -15.09 -10.98
N SER A 155 6.28 -14.83 -11.40
CA SER A 155 6.70 -13.46 -11.69
C SER A 155 5.88 -12.92 -12.85
N VAL A 156 5.58 -13.77 -13.83
CA VAL A 156 4.80 -13.35 -14.98
C VAL A 156 3.42 -12.87 -14.52
N THR A 157 2.81 -13.63 -13.61
CA THR A 157 1.50 -13.27 -13.09
C THR A 157 1.57 -11.97 -12.28
N GLU A 158 2.61 -11.81 -11.47
CA GLU A 158 2.73 -10.58 -10.69
C GLU A 158 2.87 -9.40 -11.63
N GLY A 159 3.61 -9.60 -12.72
CA GLY A 159 3.80 -8.53 -13.69
C GLY A 159 2.48 -8.17 -14.35
N GLU A 160 1.72 -9.17 -14.76
CA GLU A 160 0.44 -8.94 -15.40
C GLU A 160 -0.51 -8.18 -14.47
N ARG A 161 -0.54 -8.58 -13.21
CA ARG A 161 -1.42 -7.94 -12.23
C ARG A 161 -0.98 -6.51 -11.97
N THR A 162 0.32 -6.28 -11.93
CA THR A 162 0.85 -4.95 -11.68
C THR A 162 0.57 -4.01 -12.85
N VAL A 163 0.80 -4.49 -14.07
CA VAL A 163 0.53 -3.65 -15.24
C VAL A 163 -0.96 -3.31 -15.31
N ARG A 164 -1.82 -4.23 -14.88
CA ARG A 164 -3.25 -3.96 -14.93
C ARG A 164 -3.62 -2.85 -13.93
N VAL A 165 -3.03 -2.89 -12.74
CA VAL A 165 -3.30 -1.87 -11.74
C VAL A 165 -2.81 -0.51 -12.24
N LEU A 166 -1.60 -0.46 -12.79
CA LEU A 166 -1.07 0.81 -13.28
C LEU A 166 -1.91 1.31 -14.45
N ASP A 167 -2.38 0.39 -15.27
CA ASP A 167 -3.21 0.73 -16.43
C ASP A 167 -4.50 1.40 -15.96
N THR A 168 -5.13 0.82 -14.95
CA THR A 168 -6.37 1.39 -14.43
C THR A 168 -6.09 2.73 -13.74
N VAL A 169 -5.07 2.76 -12.90
CA VAL A 169 -4.74 3.98 -12.19
C VAL A 169 -4.46 5.16 -13.11
N GLU A 170 -3.84 4.88 -14.26
CA GLU A 170 -3.54 5.96 -15.21
C GLU A 170 -4.81 6.69 -15.65
N LYS A 171 -5.93 5.96 -15.75
CA LYS A 171 -7.19 6.58 -16.14
C LYS A 171 -7.59 7.61 -15.10
N TRP A 172 -7.36 7.28 -13.83
CA TRP A 172 -7.70 8.18 -12.73
C TRP A 172 -6.73 9.34 -12.64
N LEU A 173 -5.45 9.09 -12.81
CA LEU A 173 -4.46 10.17 -12.76
C LEU A 173 -4.71 11.15 -13.90
N ALA A 174 -5.19 10.65 -15.03
CA ALA A 174 -5.45 11.49 -16.20
C ALA A 174 -6.55 12.52 -15.96
N CYS A 175 -7.31 12.36 -14.88
CA CYS A 175 -8.38 13.31 -14.55
C CYS A 175 -7.81 14.55 -13.90
N GLY A 176 -6.55 14.45 -13.45
CA GLY A 176 -5.90 15.56 -12.80
C GLY A 176 -5.94 15.41 -11.28
N VAL A 177 -4.84 14.94 -10.71
CA VAL A 177 -4.76 14.75 -9.26
C VAL A 177 -3.48 15.38 -8.74
N ASP A 178 -3.53 15.94 -7.53
CA ASP A 178 -2.34 16.57 -6.97
C ASP A 178 -1.44 15.56 -6.26
N ASN A 179 -2.05 14.60 -5.57
CA ASN A 179 -1.30 13.62 -4.81
C ASN A 179 -1.71 12.19 -5.09
N PHE A 180 -0.75 11.28 -5.00
CA PHE A 180 -1.06 9.87 -5.22
C PHE A 180 -0.09 8.94 -4.51
N CYS A 181 -0.60 7.75 -4.20
CA CYS A 181 0.18 6.70 -3.54
C CYS A 181 -0.44 5.41 -4.06
N VAL A 182 0.29 4.72 -4.91
CA VAL A 182 -0.21 3.53 -5.59
C VAL A 182 0.71 2.32 -5.45
N LYS A 183 0.15 1.21 -4.98
CA LYS A 183 0.96 0.01 -4.83
C LYS A 183 1.40 -0.53 -6.19
N VAL A 184 2.68 -0.89 -6.26
CA VAL A 184 3.25 -1.49 -7.46
C VAL A 184 3.76 -2.84 -6.96
N LEU A 185 2.98 -3.89 -7.20
CA LEU A 185 3.33 -5.22 -6.71
C LEU A 185 4.68 -5.76 -7.16
N ALA A 186 4.94 -5.70 -8.47
CA ALA A 186 6.18 -6.23 -9.02
C ALA A 186 6.93 -5.22 -9.85
N PRO A 187 7.59 -4.25 -9.19
CA PRO A 187 8.34 -3.23 -9.92
C PRO A 187 9.58 -3.75 -10.61
N TYR A 188 9.95 -4.99 -10.29
CA TYR A 188 11.14 -5.63 -10.88
C TYR A 188 10.89 -6.19 -12.27
N MET A 189 9.63 -6.30 -12.68
CA MET A 189 9.34 -6.84 -14.00
C MET A 189 9.59 -5.77 -15.06
N PRO A 190 10.29 -6.15 -16.14
CA PRO A 190 10.64 -5.26 -17.26
C PRO A 190 9.54 -4.33 -17.75
N ASP A 191 8.36 -4.89 -18.03
CA ASP A 191 7.25 -4.09 -18.52
C ASP A 191 6.75 -3.08 -17.50
N VAL A 192 6.81 -3.47 -16.22
CA VAL A 192 6.37 -2.57 -15.17
C VAL A 192 7.33 -1.39 -15.05
N LEU A 193 8.63 -1.66 -15.11
CA LEU A 193 9.62 -0.59 -15.03
C LEU A 193 9.40 0.45 -16.12
N GLU A 194 9.16 -0.03 -17.34
CA GLU A 194 8.93 0.85 -18.48
C GLU A 194 7.66 1.67 -18.28
N LYS A 195 6.61 1.04 -17.77
CA LYS A 195 5.36 1.75 -17.55
C LYS A 195 5.57 2.84 -16.50
N LEU A 196 6.35 2.53 -15.46
CA LEU A 196 6.64 3.50 -14.42
C LEU A 196 7.44 4.68 -14.98
N GLU A 197 8.37 4.40 -15.88
CA GLU A 197 9.17 5.44 -16.50
C GLU A 197 8.27 6.36 -17.31
N LEU A 198 7.30 5.77 -18.01
CA LEU A 198 6.38 6.54 -18.81
C LEU A 198 5.45 7.38 -17.92
N LEU A 199 4.97 6.77 -16.84
CA LEU A 199 4.10 7.50 -15.92
C LEU A 199 4.82 8.67 -15.26
N GLN A 200 6.07 8.46 -14.88
CA GLN A 200 6.85 9.52 -14.25
C GLN A 200 7.00 10.71 -15.18
N ARG A 201 7.18 10.44 -16.46
CA ARG A 201 7.35 11.51 -17.44
C ARG A 201 6.04 12.25 -17.68
N ARG A 202 4.93 11.61 -17.32
CA ARG A 202 3.62 12.20 -17.51
C ARG A 202 3.04 12.84 -16.24
N PHE A 203 3.25 12.21 -15.10
CA PHE A 203 2.70 12.68 -13.83
C PHE A 203 3.72 12.96 -12.72
N GLY A 204 4.99 12.73 -13.00
CA GLY A 204 6.00 12.95 -11.97
C GLY A 204 6.05 11.79 -10.97
N GLY A 205 6.55 12.06 -9.78
CA GLY A 205 6.62 11.03 -8.76
C GLY A 205 7.74 10.02 -8.95
N THR A 206 7.73 8.98 -8.13
CA THR A 206 8.73 7.92 -8.21
C THR A 206 8.23 6.75 -7.37
N VAL A 207 9.02 5.67 -7.30
CA VAL A 207 8.62 4.51 -6.50
C VAL A 207 9.51 4.40 -5.27
N ILE A 208 8.87 4.11 -4.14
CA ILE A 208 9.54 4.02 -2.85
C ILE A 208 9.19 2.72 -2.13
N ARG A 209 10.19 2.12 -1.50
CA ARG A 209 10.00 0.90 -0.73
C ARG A 209 9.62 1.30 0.70
N ASN A 210 8.51 0.77 1.19
CA ASN A 210 8.05 1.05 2.55
C ASN A 210 8.77 0.04 3.46
N PRO A 211 9.40 0.52 4.54
CA PRO A 211 10.10 -0.43 5.43
C PRO A 211 9.19 -1.47 6.09
N LEU A 212 7.90 -1.18 6.15
CA LEU A 212 6.95 -2.12 6.77
C LEU A 212 6.55 -3.25 5.84
N SER A 213 6.94 -3.17 4.57
CA SER A 213 6.60 -4.23 3.63
C SER A 213 7.36 -5.49 3.99
N ARG A 214 6.74 -6.63 3.74
CA ARG A 214 7.36 -7.93 4.02
C ARG A 214 8.45 -8.28 3.03
N ASN A 215 9.43 -9.07 3.47
CA ASN A 215 10.54 -9.48 2.62
C ASN A 215 10.10 -10.37 1.47
N SER A 216 8.98 -11.07 1.65
CA SER A 216 8.51 -11.99 0.61
C SER A 216 7.84 -11.32 -0.58
N THR A 217 7.74 -9.99 -0.55
CA THR A 217 7.17 -9.25 -1.67
C THR A 217 8.11 -8.12 -2.05
N HIS A 218 8.17 -7.81 -3.34
CA HIS A 218 9.02 -6.73 -3.84
C HIS A 218 8.20 -5.46 -4.01
N GLU A 219 7.00 -5.44 -3.44
CA GLU A 219 6.14 -4.26 -3.59
C GLU A 219 6.81 -2.94 -3.25
N MET A 220 6.49 -1.92 -4.04
CA MET A 220 6.99 -0.57 -3.82
C MET A 220 5.78 0.30 -4.15
N TYR A 221 5.82 1.57 -3.77
CA TYR A 221 4.69 2.45 -4.03
C TYR A 221 5.05 3.64 -4.90
N TYR A 222 4.23 3.89 -5.90
CA TYR A 222 4.39 5.01 -6.81
C TYR A 222 3.76 6.19 -6.07
N VAL A 223 4.59 7.15 -5.70
CA VAL A 223 4.15 8.30 -4.92
C VAL A 223 4.51 9.63 -5.56
N SER A 224 3.73 10.65 -5.24
CA SER A 224 3.89 11.99 -5.80
C SER A 224 4.90 12.92 -5.13
N GLY A 225 5.28 12.61 -3.89
CA GLY A 225 6.17 13.48 -3.13
C GLY A 225 7.66 13.46 -3.36
N ALA A 226 8.13 12.64 -4.29
CA ALA A 226 9.54 12.59 -4.59
C ALA A 226 9.74 12.23 -6.04
N ARG A 227 10.92 12.53 -6.56
CA ARG A 227 11.27 12.24 -7.92
C ARG A 227 12.69 11.71 -7.92
N SER A 228 12.85 10.50 -8.45
CA SER A 228 14.16 9.88 -8.50
C SER A 228 14.16 8.87 -9.63
N ASN A 229 15.34 8.38 -9.97
CA ASN A 229 15.45 7.40 -11.03
C ASN A 229 14.78 6.11 -10.57
N VAL A 230 13.74 5.70 -11.28
CA VAL A 230 13.00 4.49 -10.94
C VAL A 230 13.86 3.23 -11.02
N THR A 231 14.65 3.10 -12.08
CA THR A 231 15.50 1.93 -12.24
C THR A 231 16.46 1.79 -11.07
N PHE A 232 17.05 2.90 -10.65
CA PHE A 232 17.98 2.89 -9.55
C PHE A 232 17.32 2.45 -8.25
N THR A 233 16.22 3.11 -7.89
CA THR A 233 15.51 2.80 -6.64
C THR A 233 15.00 1.36 -6.61
N VAL A 234 14.45 0.88 -7.72
CA VAL A 234 13.94 -0.50 -7.76
C VAL A 234 15.09 -1.50 -7.57
N ASN A 235 16.22 -1.24 -8.22
CA ASN A 235 17.36 -2.13 -8.10
C ASN A 235 17.95 -2.05 -6.69
N GLN A 236 17.85 -0.88 -6.07
CA GLN A 236 18.34 -0.69 -4.71
C GLN A 236 17.57 -1.67 -3.81
N THR A 237 16.26 -1.76 -4.03
CA THR A 237 15.43 -2.66 -3.24
C THR A 237 15.74 -4.13 -3.56
N SER A 238 15.98 -4.43 -4.83
CA SER A 238 16.31 -5.81 -5.22
C SER A 238 17.58 -6.23 -4.50
N ARG A 239 18.55 -5.33 -4.43
CA ARG A 239 19.81 -5.63 -3.76
C ARG A 239 19.60 -5.88 -2.27
N LEU A 240 18.74 -5.08 -1.64
CA LEU A 240 18.48 -5.26 -0.21
C LEU A 240 17.80 -6.59 0.05
N LEU A 241 16.82 -6.94 -0.77
CA LEU A 241 16.11 -8.21 -0.58
C LEU A 241 17.00 -9.42 -0.82
N MET A 242 17.89 -9.32 -1.80
CA MET A 242 18.79 -10.42 -2.10
C MET A 242 19.82 -10.58 -0.99
N ARG A 243 20.25 -9.46 -0.42
CA ARG A 243 21.21 -9.51 0.67
C ARG A 243 20.58 -10.20 1.88
N ARG A 244 19.31 -9.89 2.15
CA ARG A 244 18.62 -10.51 3.27
C ARG A 244 18.40 -12.00 3.08
N MET A 245 18.32 -12.43 1.82
CA MET A 245 18.11 -13.84 1.55
C MET A 245 19.41 -14.61 1.74
N ARG A 246 20.52 -13.98 1.36
CA ARG A 246 21.84 -14.59 1.49
C ARG A 246 22.39 -14.48 2.89
N ARG A 247 21.93 -13.48 3.63
CA ARG A 247 22.38 -13.26 5.01
C ARG A 247 21.19 -13.35 5.95
N PRO A 248 20.62 -14.54 6.11
CA PRO A 248 19.47 -14.72 7.00
C PRO A 248 19.84 -14.43 8.45
N THR A 249 18.87 -13.91 9.22
CA THR A 249 19.11 -13.60 10.63
C THR A 249 17.86 -13.94 11.43
N GLY A 250 16.70 -13.77 10.81
CA GLY A 250 15.45 -14.04 11.49
C GLY A 250 15.16 -13.00 12.56
N LYS A 251 15.89 -11.88 12.52
CA LYS A 251 15.72 -10.81 13.50
C LYS A 251 14.61 -9.84 13.12
N VAL A 252 13.61 -9.75 13.98
CA VAL A 252 12.47 -8.88 13.77
C VAL A 252 12.46 -7.70 14.74
N THR A 253 12.12 -6.53 14.23
CA THR A 253 12.04 -5.32 15.05
C THR A 253 10.59 -4.89 15.13
N LEU A 254 10.10 -4.63 16.35
CA LEU A 254 8.73 -4.21 16.53
C LEU A 254 8.61 -2.72 16.83
N GLU A 255 7.55 -2.10 16.32
CA GLU A 255 7.31 -0.69 16.55
C GLU A 255 5.85 -0.50 16.96
N ALA A 256 5.57 0.62 17.63
CA ALA A 256 4.21 0.91 18.07
C ALA A 256 3.29 1.14 16.89
N ASP A 257 2.08 0.58 16.99
CA ASP A 257 1.07 0.72 15.95
C ASP A 257 0.47 2.12 16.05
N VAL A 258 -0.29 2.52 15.04
CA VAL A 258 -0.89 3.83 15.03
C VAL A 258 -2.15 3.91 15.88
N ILE A 259 -2.26 4.99 16.66
CA ILE A 259 -3.45 5.24 17.49
C ILE A 259 -3.95 6.60 17.03
N LEU A 260 -5.14 6.63 16.46
CA LEU A 260 -5.73 7.87 15.97
C LEU A 260 -6.68 8.48 16.99
N PRO A 261 -6.99 9.78 16.84
CA PRO A 261 -7.92 10.39 17.79
C PRO A 261 -9.27 9.76 17.44
N ILE A 262 -10.30 10.04 18.23
CA ILE A 262 -11.61 9.45 17.98
C ILE A 262 -12.71 10.50 17.80
N GLY A 263 -13.83 10.07 17.26
CA GLY A 263 -14.95 10.98 17.09
C GLY A 263 -15.22 11.50 15.70
N THR A 264 -16.26 12.32 15.60
CA THR A 264 -16.66 12.90 14.32
C THR A 264 -15.94 14.22 14.08
N ARG A 265 -15.87 14.58 12.80
CA ARG A 265 -15.30 15.86 12.41
C ARG A 265 -16.56 16.61 12.00
N SER A 266 -16.88 17.68 12.73
CA SER A 266 -18.10 18.40 12.44
C SER A 266 -17.96 19.89 12.14
N VAL A 267 -19.07 20.46 11.71
CA VAL A 267 -19.18 21.88 11.38
C VAL A 267 -19.44 22.66 12.67
N2 GTA B . 10.05 -20.91 -1.20
O6 GTA B . 6.34 -21.84 1.34
C6 GTA B . 6.87 -21.05 0.55
C5 GTA B . 6.35 -19.84 0.03
N7 GTA B . 5.14 -19.20 0.26
C7 GTA B . 4.04 -19.67 1.13
C8 GTA B . 5.16 -18.12 -0.47
N9 GTA B . 6.35 -17.98 -1.16
C4 GTA B . 7.11 -19.10 -0.86
N3 GTA B . 8.34 -19.38 -1.33
C2 GTA B . 8.82 -20.50 -0.84
N1 GTA B . 8.15 -21.30 0.05
O3A GTA B . 4.38 -15.22 -4.23
C1A GTA B . 6.74 -16.89 -2.05
C2A GTA B . 5.98 -16.85 -3.37
C3A GTA B . 4.87 -15.86 -3.06
C4A GTA B . 5.56 -14.86 -2.14
C5A GTA B . 4.65 -14.14 -1.19
O4A GTA B . 6.49 -15.68 -1.37
O2A GTA B . 6.85 -16.41 -4.40
P1 GTA B . 3.33 -14.71 1.02
O11 GTA B . 3.24 -16.10 1.82
O12 GTA B . 4.14 -13.70 1.73
O13 GTA B . 1.80 -14.23 0.81
O15 GTA B . 3.88 -15.08 -0.44
P2 GTA B . 1.46 -12.68 0.54
P1 GTA C . -3.23 -7.27 8.96
O11 GTA C . -1.80 -7.71 9.55
O12 GTA C . -3.41 -5.80 8.98
O13 GTA C . -4.33 -8.01 9.87
O15 GTA C . -3.36 -7.89 7.50
P2 GTA C . -4.40 -7.76 11.46
O22 GTA C . -3.15 -7.14 11.99
O21 GTA C . -5.70 -6.85 11.72
O23 GTA C . -4.72 -9.17 12.15
P3 GTA C . -5.67 -10.23 11.40
O32 GTA C . -6.60 -10.88 12.35
O31 GTA C . -4.78 -11.33 10.64
O33 GTA C . -6.49 -9.49 10.22
N SAH D . -4.93 -0.31 2.24
CA SAH D . -5.90 -1.21 2.89
CB SAH D . -5.56 -2.67 2.56
CG SAH D . -5.77 -2.95 1.07
SD SAH D . -5.51 -4.69 0.61
C SAH D . -5.84 -0.99 4.41
O SAH D . -6.58 -1.73 5.10
OXT SAH D . -5.07 -0.11 4.83
C5' SAH D . -6.13 -4.67 -1.11
C4' SAH D . -7.67 -4.69 -1.21
O4' SAH D . -8.01 -4.48 -2.58
C3' SAH D . -8.25 -6.05 -0.81
O3' SAH D . -9.34 -5.88 0.10
C2' SAH D . -8.78 -6.61 -2.14
O2' SAH D . -9.95 -7.38 -1.89
C1' SAH D . -9.16 -5.31 -2.84
N9 SAH D . -9.30 -5.48 -4.30
C8 SAH D . -8.55 -6.28 -5.08
N7 SAH D . -8.94 -6.15 -6.35
C5 SAH D . -9.93 -5.27 -6.39
C6 SAH D . -10.71 -4.73 -7.41
N6 SAH D . -10.55 -5.12 -8.67
N1 SAH D . -11.64 -3.82 -7.09
C2 SAH D . -11.83 -3.44 -5.83
N3 SAH D . -11.11 -3.94 -4.85
C4 SAH D . -10.16 -4.84 -5.09
#